data_5YZC
#
_entry.id   5YZC
#
_cell.length_a   169.497
_cell.length_b   169.497
_cell.length_c   169.497
_cell.angle_alpha   90.00
_cell.angle_beta   90.00
_cell.angle_gamma   90.00
#
_symmetry.space_group_name_H-M   'I 21 3'
#
loop_
_entity.id
_entity.type
_entity.pdbx_description
1 polymer 'glycoprotein F2'
2 polymer 'glycoprotein F1,measles virus fusion protein'
3 branched 2-acetamido-2-deoxy-beta-D-glucopyranose-(1-4)-2-acetamido-2-deoxy-beta-D-glucopyranose
4 non-polymer 2-acetamido-2-deoxy-beta-D-glucopyranose
5 non-polymer 4-nitro-2-[(phenylacetyl)amino]benzamide
6 water water
#
loop_
_entity_poly.entity_id
_entity_poly.type
_entity_poly.pdbx_seq_one_letter_code
_entity_poly.pdbx_strand_id
1 'polypeptide(L)'
;GTPTGQIHWGNLSKIGVVGIGSASYKVMTRSSHQSLVIKLMPNITLLNNCTRVEIAEYRRLLRTVLEPIRDALNAMTQNI
RPVQSVASSRRHKR
;
A
2 'polypeptide(L)'
;FAGVVLAGAALGVATAAQITAGIALHQSMLNSQAIDNLRASLETTNQAIEAIRQAGQEMILAVQGVQDYINNELIPSMNQ
LSCDLIGQKLGLKLLRYYTEILSLFGPSLRDPISAEISIQALSYALGGDINKVLEKLGYSGGDLLGILESRGIKARITHV
DTESYFIVLSIAYPTLSEIKGVIVHRLEGVSYNIGSQEWYTTVPKYVATQGYLISNFDESSCTFMPEGTVCSQNALYPMS
PLLQECLRGSTKSCARTLVSGSFGNRFILSQGNLIANCASILCKCYTTGTIINQDPDKILTYIAADHCPVVEVNGVTIQV
GSRRYPDAVYLHRIDLGPPISLERLDVGTNLGNAIAKLEDAKELLESSDQCCRSMKGCCSTSLEGIEGRAGWSHPQFEKG
GGSGGGSGGGSWSHPQFEK
;
B
#
loop_
_chem_comp.id
_chem_comp.type
_chem_comp.name
_chem_comp.formula
95C non-polymer 4-nitro-2-[(phenylacetyl)amino]benzamide 'C15 H13 N3 O4'
NAG D-saccharide, beta linking 2-acetamido-2-deoxy-beta-D-glucopyranose 'C8 H15 N O6'
#
# COMPACT_ATOMS: atom_id res chain seq x y z
N GLN A 6 7.53 -11.96 24.50
CA GLN A 6 6.73 -12.65 23.48
C GLN A 6 7.60 -13.36 22.42
N ILE A 7 8.42 -12.61 21.68
CA ILE A 7 9.38 -13.23 20.77
C ILE A 7 10.59 -13.68 21.58
N HIS A 8 11.06 -14.90 21.31
CA HIS A 8 12.17 -15.45 22.09
C HIS A 8 13.47 -15.21 21.33
N TRP A 9 14.08 -14.04 21.55
CA TRP A 9 15.25 -13.66 20.78
C TRP A 9 16.42 -14.61 21.00
N GLY A 10 16.55 -15.19 22.19
CA GLY A 10 17.67 -16.06 22.45
C GLY A 10 17.66 -17.30 21.57
N ASN A 11 16.53 -18.00 21.53
CA ASN A 11 16.46 -19.22 20.74
C ASN A 11 16.50 -18.91 19.25
N LEU A 12 15.89 -17.80 18.82
CA LEU A 12 15.96 -17.43 17.40
C LEU A 12 17.40 -17.13 16.99
N SER A 13 18.19 -16.49 17.86
CA SER A 13 19.57 -16.20 17.50
C SER A 13 20.37 -17.48 17.30
N LYS A 14 19.97 -18.57 17.96
CA LYS A 14 20.68 -19.83 17.77
C LYS A 14 20.46 -20.42 16.38
N ILE A 15 19.46 -19.95 15.63
CA ILE A 15 19.24 -20.40 14.27
C ILE A 15 19.34 -19.21 13.32
N GLY A 16 20.13 -18.20 13.72
CA GLY A 16 20.52 -17.12 12.83
C GLY A 16 19.53 -16.00 12.63
N VAL A 17 18.46 -15.90 13.41
CA VAL A 17 17.44 -14.89 13.23
C VAL A 17 17.58 -13.84 14.33
N VAL A 18 17.66 -12.56 13.95
CA VAL A 18 17.68 -11.46 14.90
C VAL A 18 16.68 -10.40 14.50
N GLY A 19 16.29 -9.59 15.48
CA GLY A 19 15.46 -8.42 15.24
C GLY A 19 16.38 -7.26 15.00
N ILE A 20 16.13 -6.51 13.93
CA ILE A 20 16.97 -5.36 13.65
C ILE A 20 16.15 -4.07 13.72
N GLY A 21 15.04 -4.10 14.44
CA GLY A 21 14.30 -2.88 14.67
C GLY A 21 12.86 -3.12 15.04
N SER A 22 12.38 -2.35 16.00
CA SER A 22 10.96 -2.34 16.30
C SER A 22 10.44 -0.91 16.18
N ALA A 23 9.14 -0.80 15.93
CA ALA A 23 8.50 0.51 15.89
C ALA A 23 7.05 0.36 16.31
N SER A 24 6.50 1.47 16.81
CA SER A 24 5.06 1.58 17.03
C SER A 24 4.32 1.54 15.69
N TYR A 25 3.02 1.35 15.76
CA TYR A 25 2.19 1.11 14.59
C TYR A 25 1.12 2.19 14.55
N LYS A 26 1.13 2.98 13.49
CA LYS A 26 0.15 4.04 13.29
C LYS A 26 -0.53 3.80 11.95
N VAL A 27 -1.85 3.79 11.98
CA VAL A 27 -2.63 3.60 10.78
C VAL A 27 -3.37 4.89 10.51
N MET A 28 -3.67 5.12 9.23
CA MET A 28 -4.36 6.32 8.81
C MET A 28 -5.86 6.11 8.90
N THR A 29 -6.55 7.04 9.55
CA THR A 29 -8.01 7.07 9.56
C THR A 29 -8.48 8.36 8.89
N ARG A 30 -9.59 8.27 8.18
CA ARG A 30 -10.06 9.37 7.35
C ARG A 30 -11.15 10.12 8.10
N SER A 31 -11.10 11.45 8.05
CA SER A 31 -12.15 12.22 8.73
C SER A 31 -12.45 13.50 7.97
N SER A 32 -13.59 14.09 8.32
CA SER A 32 -14.10 15.31 7.70
C SER A 32 -14.40 15.04 6.23
N HIS A 33 -14.51 16.09 5.42
CA HIS A 33 -14.94 15.91 4.04
C HIS A 33 -14.59 17.17 3.26
N GLN A 34 -14.50 17.00 1.94
CA GLN A 34 -14.20 18.11 1.06
C GLN A 34 -14.61 17.68 -0.32
N SER A 35 -15.27 18.57 -1.04
CA SER A 35 -15.74 18.24 -2.37
C SER A 35 -14.73 18.71 -3.42
N LEU A 36 -14.49 17.81 -4.37
CA LEU A 36 -13.58 18.02 -5.48
C LEU A 36 -14.37 17.78 -6.75
N VAL A 37 -14.26 18.69 -7.73
CA VAL A 37 -15.03 18.56 -8.97
C VAL A 37 -14.07 18.50 -10.14
N ILE A 38 -14.20 17.44 -10.94
CA ILE A 38 -13.48 17.33 -12.19
C ILE A 38 -14.35 17.98 -13.26
N LYS A 39 -13.96 19.16 -13.71
CA LYS A 39 -14.65 19.86 -14.79
C LYS A 39 -14.16 19.29 -16.11
N LEU A 40 -14.99 18.48 -16.77
CA LEU A 40 -14.51 17.79 -17.97
C LEU A 40 -14.50 18.68 -19.20
N MET A 41 -15.28 19.76 -19.20
CA MET A 41 -15.42 20.60 -20.37
C MET A 41 -14.56 21.85 -20.18
N PRO A 42 -13.52 22.05 -20.97
CA PRO A 42 -12.67 23.23 -20.78
C PRO A 42 -13.31 24.49 -21.34
N ASN A 43 -12.83 25.63 -20.84
CA ASN A 43 -13.21 26.92 -21.38
C ASN A 43 -12.39 27.19 -22.64
N ILE A 44 -13.07 27.26 -23.80
CA ILE A 44 -12.40 27.37 -25.09
C ILE A 44 -12.75 28.68 -25.81
N THR A 45 -13.36 29.66 -25.11
CA THR A 45 -13.86 30.82 -25.84
C THR A 45 -12.76 31.63 -26.51
N LEU A 46 -11.58 31.72 -25.91
CA LEU A 46 -10.47 32.42 -26.54
C LEU A 46 -9.84 31.63 -27.69
N LEU A 47 -10.43 30.50 -28.08
CA LEU A 47 -10.01 29.78 -29.27
C LEU A 47 -10.97 29.95 -30.45
N ASN A 48 -12.04 30.76 -30.28
CA ASN A 48 -12.92 31.22 -31.36
C ASN A 48 -13.33 30.12 -32.33
N ASN A 49 -13.98 29.08 -31.80
CA ASN A 49 -14.58 28.01 -32.58
C ASN A 49 -13.57 27.19 -33.40
N CYS A 50 -12.28 27.33 -33.13
CA CYS A 50 -11.29 26.54 -33.85
C CYS A 50 -11.24 25.08 -33.39
N THR A 51 -11.89 24.73 -32.27
CA THR A 51 -11.86 23.37 -31.74
C THR A 51 -13.26 22.77 -31.67
N ARG A 52 -14.20 23.32 -32.44
CA ARG A 52 -15.60 22.92 -32.34
C ARG A 52 -15.79 21.45 -32.65
N VAL A 53 -15.18 20.95 -33.72
CA VAL A 53 -15.32 19.56 -34.11
C VAL A 53 -14.73 18.64 -33.04
N GLU A 54 -13.53 18.99 -32.55
CA GLU A 54 -12.84 18.14 -31.58
C GLU A 54 -13.59 18.13 -30.25
N ILE A 55 -14.12 19.28 -29.81
CA ILE A 55 -14.88 19.34 -28.57
C ILE A 55 -16.16 18.49 -28.65
N ALA A 56 -16.87 18.57 -29.78
CA ALA A 56 -18.11 17.80 -29.91
C ALA A 56 -17.83 16.30 -29.88
N GLU A 57 -16.72 15.87 -30.47
CA GLU A 57 -16.38 14.46 -30.46
C GLU A 57 -15.95 13.99 -29.07
N TYR A 58 -15.15 14.81 -28.39
CA TYR A 58 -14.79 14.57 -26.99
C TYR A 58 -16.04 14.39 -26.12
N ARG A 59 -16.99 15.31 -26.24
CA ARG A 59 -18.22 15.22 -25.45
C ARG A 59 -18.96 13.92 -25.72
N ARG A 60 -18.98 13.49 -26.98
CA ARG A 60 -19.68 12.25 -27.33
C ARG A 60 -18.95 11.05 -26.76
N LEU A 61 -17.62 11.04 -26.81
CA LEU A 61 -16.87 9.94 -26.20
C LEU A 61 -17.11 9.92 -24.68
N LEU A 62 -17.15 11.08 -24.05
CA LEU A 62 -17.35 11.09 -22.60
C LEU A 62 -18.72 10.51 -22.21
N ARG A 63 -19.77 10.77 -23.00
CA ARG A 63 -21.11 10.35 -22.61
C ARG A 63 -21.18 8.85 -22.36
N THR A 64 -20.53 8.07 -23.22
CA THR A 64 -20.57 6.63 -23.08
C THR A 64 -20.04 6.20 -21.73
N VAL A 65 -19.04 6.91 -21.21
CA VAL A 65 -18.44 6.57 -19.93
C VAL A 65 -19.28 7.08 -18.76
N LEU A 66 -19.82 8.29 -18.87
CA LEU A 66 -20.43 8.93 -17.70
C LEU A 66 -21.81 8.38 -17.39
N GLU A 67 -22.61 8.06 -18.42
CA GLU A 67 -24.00 7.62 -18.20
C GLU A 67 -24.11 6.38 -17.32
N PRO A 68 -23.30 5.32 -17.49
CA PRO A 68 -23.42 4.17 -16.57
C PRO A 68 -23.09 4.51 -15.12
N ILE A 69 -22.13 5.41 -14.88
CA ILE A 69 -21.81 5.79 -13.50
C ILE A 69 -22.96 6.54 -12.88
N ARG A 70 -23.49 7.54 -13.60
CA ARG A 70 -24.66 8.28 -13.13
C ARG A 70 -25.80 7.33 -12.80
N ASP A 71 -26.04 6.34 -13.68
CA ASP A 71 -27.12 5.38 -13.45
C ASP A 71 -26.87 4.54 -12.20
N ALA A 72 -25.62 4.10 -11.98
CA ALA A 72 -25.33 3.29 -10.79
C ALA A 72 -25.58 4.08 -9.52
N LEU A 73 -25.19 5.36 -9.50
CA LEU A 73 -25.41 6.21 -8.32
C LEU A 73 -26.90 6.43 -8.07
N ASN A 74 -27.68 6.64 -9.13
CA ASN A 74 -29.13 6.80 -8.97
C ASN A 74 -29.79 5.50 -8.52
N ALA A 75 -29.28 4.35 -8.96
CA ALA A 75 -29.83 3.07 -8.51
C ALA A 75 -29.72 2.92 -7.00
N MET A 76 -28.67 3.47 -6.38
CA MET A 76 -28.51 3.36 -4.94
C MET A 76 -29.34 4.41 -4.19
N THR A 77 -29.18 5.69 -4.55
CA THR A 77 -29.82 6.76 -3.81
C THR A 77 -31.34 6.74 -3.93
N GLN A 78 -31.88 6.10 -4.96
CA GLN A 78 -33.31 5.97 -5.05
C GLN A 78 -33.86 4.95 -4.04
N ASN A 79 -32.99 4.14 -3.42
CA ASN A 79 -33.40 3.21 -2.38
C ASN A 79 -33.11 3.72 -0.99
N ILE A 80 -32.81 5.01 -0.86
CA ILE A 80 -32.48 5.64 0.41
C ILE A 80 -33.52 6.73 0.65
N ARG A 81 -34.44 6.46 1.58
CA ARG A 81 -35.59 7.31 1.90
C ARG A 81 -35.49 7.88 3.31
N PRO A 82 -36.26 8.92 3.62
CA PRO A 82 -36.32 9.42 5.00
C PRO A 82 -37.04 8.45 5.91
N VAL A 83 -36.77 8.59 7.23
CA VAL A 83 -37.11 7.54 8.19
C VAL A 83 -38.59 7.14 8.14
N GLN A 84 -39.50 8.12 8.03
CA GLN A 84 -40.93 7.82 8.26
C GLN A 84 -41.65 7.17 7.08
N SER A 85 -40.98 6.98 5.93
CA SER A 85 -41.57 6.20 4.84
C SER A 85 -41.82 4.73 5.22
N VAL A 86 -41.52 4.36 6.47
CA VAL A 86 -41.67 3.01 6.98
C VAL A 86 -42.98 2.88 7.78
N GLY B 3 -32.45 11.37 9.64
CA GLY B 3 -32.38 9.93 9.57
C GLY B 3 -32.91 9.37 8.25
N VAL B 4 -32.14 8.47 7.63
CA VAL B 4 -32.56 7.83 6.39
C VAL B 4 -32.58 6.32 6.60
N VAL B 5 -33.34 5.63 5.75
CA VAL B 5 -33.44 4.19 5.77
C VAL B 5 -33.15 3.64 4.39
N LEU B 6 -32.43 2.52 4.34
CA LEU B 6 -32.18 1.80 3.10
C LEU B 6 -33.34 0.85 2.82
N ALA B 7 -33.84 0.88 1.59
CA ALA B 7 -34.92 -0.01 1.16
C ALA B 7 -34.32 -1.35 0.77
N GLY B 8 -34.16 -2.22 1.77
CA GLY B 8 -33.43 -3.46 1.54
C GLY B 8 -34.19 -4.50 0.75
N ALA B 9 -35.51 -4.56 0.91
CA ALA B 9 -36.30 -5.47 0.10
C ALA B 9 -36.27 -5.06 -1.38
N ALA B 10 -36.33 -3.76 -1.64
CA ALA B 10 -36.23 -3.28 -3.02
C ALA B 10 -34.83 -3.55 -3.59
N LEU B 11 -33.79 -3.16 -2.86
CA LEU B 11 -32.44 -3.36 -3.38
C LEU B 11 -32.06 -4.84 -3.38
N GLY B 12 -32.56 -5.62 -2.44
CA GLY B 12 -32.36 -7.08 -2.42
C GLY B 12 -31.01 -7.61 -1.93
N VAL B 13 -29.92 -7.09 -2.44
CA VAL B 13 -28.59 -7.60 -2.13
C VAL B 13 -27.62 -6.43 -2.15
N ALA B 14 -26.72 -6.38 -1.17
CA ALA B 14 -25.66 -5.38 -1.10
C ALA B 14 -24.69 -5.78 0.00
N THR B 15 -23.40 -5.54 -0.24
CA THR B 15 -22.39 -5.74 0.78
C THR B 15 -22.41 -4.58 1.79
N ALA B 16 -21.82 -4.84 2.96
CA ALA B 16 -21.71 -3.77 3.95
C ALA B 16 -20.98 -2.57 3.38
N ALA B 17 -19.90 -2.81 2.63
CA ALA B 17 -19.18 -1.71 1.98
C ALA B 17 -20.10 -0.88 1.09
N GLN B 18 -21.02 -1.52 0.37
CA GLN B 18 -21.93 -0.78 -0.50
C GLN B 18 -23.03 -0.08 0.30
N ILE B 19 -23.54 -0.75 1.32
CA ILE B 19 -24.54 -0.11 2.17
C ILE B 19 -23.95 1.13 2.81
N THR B 20 -22.77 1.02 3.44
CA THR B 20 -22.23 2.16 4.16
C THR B 20 -21.83 3.27 3.20
N ALA B 21 -21.27 2.94 2.02
CA ALA B 21 -20.94 4.00 1.07
C ALA B 21 -22.21 4.65 0.54
N GLY B 22 -23.28 3.88 0.36
CA GLY B 22 -24.51 4.45 -0.14
C GLY B 22 -25.11 5.46 0.83
N ILE B 23 -25.12 5.13 2.12
CA ILE B 23 -25.58 6.09 3.13
C ILE B 23 -24.67 7.31 3.14
N ALA B 24 -23.36 7.08 3.13
CA ALA B 24 -22.40 8.18 3.01
C ALA B 24 -22.65 8.98 1.75
N LEU B 25 -23.03 8.32 0.67
CA LEU B 25 -23.35 9.04 -0.56
C LEU B 25 -24.51 10.01 -0.34
N HIS B 26 -25.52 9.58 0.42
CA HIS B 26 -26.66 10.45 0.69
C HIS B 26 -26.26 11.63 1.57
N GLN B 27 -25.36 11.42 2.53
CA GLN B 27 -24.98 12.50 3.43
C GLN B 27 -24.00 13.48 2.79
N SER B 28 -23.19 13.04 1.83
CA SER B 28 -22.13 13.89 1.32
C SER B 28 -22.42 14.46 -0.07
N MET B 29 -23.45 13.97 -0.76
CA MET B 29 -23.72 14.51 -2.09
C MET B 29 -24.28 15.92 -1.98
N LEU B 30 -23.96 16.74 -2.98
CA LEU B 30 -24.45 18.11 -3.01
C LEU B 30 -25.96 18.12 -3.20
N ASN B 31 -26.61 19.04 -2.47
CA ASN B 31 -28.03 19.29 -2.63
C ASN B 31 -28.37 19.55 -4.10
N SER B 32 -29.63 19.30 -4.46
CA SER B 32 -30.03 19.36 -5.86
C SER B 32 -29.82 20.75 -6.47
N GLN B 33 -29.98 21.80 -5.68
CA GLN B 33 -29.76 23.14 -6.21
C GLN B 33 -28.33 23.63 -6.00
N ALA B 34 -27.59 23.04 -5.06
CA ALA B 34 -26.14 23.26 -5.01
C ALA B 34 -25.49 22.83 -6.32
N ILE B 35 -26.09 21.84 -7.00
CA ILE B 35 -25.63 21.40 -8.31
C ILE B 35 -25.85 22.51 -9.34
N ASP B 36 -27.01 23.14 -9.31
CA ASP B 36 -27.29 24.22 -10.26
C ASP B 36 -26.35 25.40 -10.03
N ASN B 37 -26.02 25.69 -8.78
CA ASN B 37 -25.03 26.72 -8.49
C ASN B 37 -23.68 26.33 -9.05
N LEU B 38 -23.23 25.11 -8.74
CA LEU B 38 -21.93 24.64 -9.21
C LEU B 38 -21.87 24.64 -10.73
N ARG B 39 -22.93 24.18 -11.39
CA ARG B 39 -22.95 24.15 -12.85
C ARG B 39 -22.74 25.53 -13.44
N ALA B 40 -23.32 26.57 -12.83
CA ALA B 40 -23.13 27.91 -13.36
C ALA B 40 -21.75 28.46 -13.01
N SER B 41 -21.24 28.17 -11.82
CA SER B 41 -19.89 28.60 -11.48
C SER B 41 -18.85 27.97 -12.41
N LEU B 42 -19.03 26.69 -12.74
CA LEU B 42 -18.04 26.03 -13.59
C LEU B 42 -18.04 26.63 -14.99
N GLU B 43 -19.22 27.01 -15.49
CA GLU B 43 -19.32 27.54 -16.85
C GLU B 43 -18.52 28.82 -17.01
N THR B 44 -18.44 29.66 -15.98
CA THR B 44 -17.84 30.98 -16.11
C THR B 44 -16.37 31.05 -15.69
N THR B 45 -15.74 29.94 -15.34
CA THR B 45 -14.33 30.00 -14.97
C THR B 45 -13.45 29.56 -16.13
N ASN B 46 -12.15 29.86 -16.00
CA ASN B 46 -11.20 29.48 -17.04
C ASN B 46 -9.83 29.06 -16.47
N GLN B 47 -9.77 28.67 -15.21
CA GLN B 47 -8.52 28.25 -14.60
C GLN B 47 -8.39 26.73 -14.60
N ALA B 48 -7.14 26.27 -14.48
CA ALA B 48 -6.90 24.84 -14.36
C ALA B 48 -7.39 24.32 -13.02
N ILE B 49 -7.16 25.06 -11.95
CA ILE B 49 -7.67 24.72 -10.63
C ILE B 49 -8.22 25.98 -10.01
N GLU B 50 -9.35 25.85 -9.30
CA GLU B 50 -10.06 27.02 -8.79
C GLU B 50 -10.91 26.65 -7.59
N ALA B 51 -10.72 27.36 -6.49
CA ALA B 51 -11.56 27.21 -5.31
C ALA B 51 -12.84 27.97 -5.53
N ILE B 52 -13.96 27.26 -5.64
CA ILE B 52 -15.26 27.85 -5.87
C ILE B 52 -15.91 28.12 -4.52
N ARG B 53 -15.97 29.39 -4.13
CA ARG B 53 -16.55 29.81 -2.86
C ARG B 53 -17.91 30.45 -3.11
N GLN B 54 -18.96 29.82 -2.61
CA GLN B 54 -20.29 30.41 -2.54
C GLN B 54 -20.64 30.53 -1.05
N ALA B 55 -20.75 31.77 -0.57
CA ALA B 55 -20.97 32.02 0.85
C ALA B 55 -22.17 31.23 1.36
N GLY B 56 -22.02 30.67 2.56
CA GLY B 56 -23.01 29.74 3.09
C GLY B 56 -22.60 28.30 2.87
N GLN B 57 -22.51 27.90 1.59
CA GLN B 57 -22.06 26.56 1.22
C GLN B 57 -20.55 26.45 1.31
N GLU B 58 -20.06 25.22 1.40
CA GLU B 58 -18.62 25.00 1.53
C GLU B 58 -17.90 25.29 0.22
N MET B 59 -16.61 25.54 0.35
CA MET B 59 -15.73 25.65 -0.81
C MET B 59 -15.70 24.33 -1.58
N ILE B 60 -15.71 24.44 -2.91
CA ILE B 60 -15.63 23.31 -3.82
C ILE B 60 -14.41 23.51 -4.71
N LEU B 61 -13.52 22.52 -4.73
CA LEU B 61 -12.30 22.61 -5.51
C LEU B 61 -12.55 22.08 -6.93
N ALA B 62 -12.41 22.94 -7.92
CA ALA B 62 -12.68 22.60 -9.31
C ALA B 62 -11.36 22.47 -10.06
N VAL B 63 -11.21 21.39 -10.82
CA VAL B 63 -9.99 21.13 -11.56
C VAL B 63 -10.35 20.82 -13.00
N GLN B 64 -9.64 21.45 -13.93
CA GLN B 64 -9.88 21.29 -15.36
C GLN B 64 -8.62 20.74 -16.02
N GLY B 65 -8.71 19.52 -16.57
CA GLY B 65 -7.53 18.73 -16.90
C GLY B 65 -6.72 19.16 -18.11
N VAL B 66 -7.28 19.99 -19.00
CA VAL B 66 -6.50 20.48 -20.14
C VAL B 66 -6.42 22.00 -20.17
N GLN B 67 -6.86 22.68 -19.11
CA GLN B 67 -6.92 24.15 -19.16
C GLN B 67 -5.53 24.77 -19.18
N ASP B 68 -4.58 24.23 -18.43
CA ASP B 68 -3.23 24.79 -18.48
C ASP B 68 -2.66 24.75 -19.89
N TYR B 69 -2.97 23.69 -20.64
CA TYR B 69 -2.47 23.58 -22.00
C TYR B 69 -3.14 24.60 -22.91
N ILE B 70 -4.46 24.72 -22.82
CA ILE B 70 -5.18 25.74 -23.57
C ILE B 70 -4.67 27.13 -23.24
N ASN B 71 -4.52 27.45 -21.95
CA ASN B 71 -4.17 28.82 -21.55
C ASN B 71 -2.71 29.14 -21.85
N ASN B 72 -1.80 28.19 -21.61
CA ASN B 72 -0.37 28.45 -21.75
C ASN B 72 0.15 28.21 -23.15
N GLU B 73 -0.40 27.25 -23.88
CA GLU B 73 0.14 26.87 -25.19
C GLU B 73 -0.76 27.25 -26.35
N LEU B 74 -2.08 27.15 -26.21
CA LEU B 74 -2.92 27.37 -27.39
C LEU B 74 -3.32 28.83 -27.53
N ILE B 75 -3.75 29.48 -26.44
CA ILE B 75 -4.21 30.86 -26.54
C ILE B 75 -3.10 31.78 -27.01
N PRO B 76 -1.87 31.72 -26.46
CA PRO B 76 -0.81 32.58 -26.99
C PRO B 76 -0.47 32.35 -28.47
N SER B 77 -0.89 31.22 -29.05
CA SER B 77 -0.64 30.95 -30.47
C SER B 77 -1.80 31.36 -31.38
N MET B 78 -2.83 31.98 -30.82
CA MET B 78 -4.09 32.15 -31.52
C MET B 78 -3.95 32.93 -32.83
N ASN B 79 -3.02 33.87 -32.90
CA ASN B 79 -2.85 34.67 -34.11
C ASN B 79 -1.52 34.38 -34.80
N GLN B 80 -0.95 33.21 -34.55
CA GLN B 80 0.24 32.77 -35.27
C GLN B 80 0.09 31.40 -35.90
N LEU B 81 -0.89 30.60 -35.48
CA LEU B 81 -1.15 29.30 -36.09
C LEU B 81 -2.56 29.31 -36.68
N SER B 82 -2.76 28.47 -37.67
CA SER B 82 -4.05 28.39 -38.35
C SER B 82 -5.12 27.83 -37.41
N CYS B 83 -6.37 28.02 -37.83
CA CYS B 83 -7.50 27.56 -37.04
C CYS B 83 -7.59 26.04 -37.04
N ASP B 84 -7.33 25.41 -38.20
CA ASP B 84 -7.27 23.96 -38.27
C ASP B 84 -6.22 23.39 -37.33
N LEU B 85 -5.03 24.01 -37.27
CA LEU B 85 -3.95 23.48 -36.45
C LEU B 85 -4.28 23.58 -34.97
N ILE B 86 -4.90 24.69 -34.56
CA ILE B 86 -5.31 24.85 -33.17
C ILE B 86 -6.23 23.71 -32.75
N GLY B 87 -7.25 23.41 -33.57
CA GLY B 87 -8.14 22.30 -33.28
C GLY B 87 -7.43 20.96 -33.28
N GLN B 88 -6.46 20.77 -34.18
CA GLN B 88 -5.75 19.51 -34.21
C GLN B 88 -4.90 19.35 -32.95
N LYS B 89 -4.23 20.42 -32.52
CA LYS B 89 -3.43 20.38 -31.30
C LYS B 89 -4.29 20.03 -30.10
N LEU B 90 -5.42 20.72 -29.93
CA LEU B 90 -6.27 20.43 -28.80
C LEU B 90 -6.88 19.02 -28.91
N GLY B 91 -7.21 18.58 -30.12
CA GLY B 91 -7.79 17.27 -30.30
C GLY B 91 -6.91 16.14 -29.77
N LEU B 92 -5.58 16.26 -29.96
CA LEU B 92 -4.67 15.26 -29.41
C LEU B 92 -4.72 15.22 -27.88
N LYS B 93 -4.77 16.39 -27.24
CA LYS B 93 -4.89 16.44 -25.78
C LYS B 93 -6.20 15.83 -25.31
N LEU B 94 -7.31 16.13 -26.01
CA LEU B 94 -8.62 15.65 -25.58
C LEU B 94 -8.70 14.13 -25.67
N LEU B 95 -8.14 13.54 -26.73
CA LEU B 95 -8.17 12.09 -26.85
C LEU B 95 -7.32 11.43 -25.76
N ARG B 96 -6.14 11.97 -25.47
CA ARG B 96 -5.34 11.42 -24.39
C ARG B 96 -6.05 11.61 -23.04
N TYR B 97 -6.75 12.73 -22.86
CA TYR B 97 -7.45 12.93 -21.60
C TYR B 97 -8.63 11.98 -21.48
N TYR B 98 -9.40 11.83 -22.56
CA TYR B 98 -10.48 10.85 -22.58
C TYR B 98 -9.97 9.44 -22.27
N THR B 99 -8.80 9.09 -22.78
CA THR B 99 -8.23 7.78 -22.49
C THR B 99 -8.02 7.60 -20.99
N GLU B 100 -7.62 8.66 -20.30
CA GLU B 100 -7.47 8.54 -18.85
C GLU B 100 -8.82 8.45 -18.15
N ILE B 101 -9.80 9.26 -18.58
CA ILE B 101 -11.13 9.16 -17.97
C ILE B 101 -11.68 7.75 -18.15
N LEU B 102 -11.51 7.19 -19.34
CA LEU B 102 -12.00 5.85 -19.63
C LEU B 102 -11.30 4.80 -18.77
N SER B 103 -10.00 4.97 -18.58
CA SER B 103 -9.25 3.97 -17.83
C SER B 103 -9.65 3.96 -16.37
N LEU B 104 -9.94 5.13 -15.81
CA LEU B 104 -10.23 5.28 -14.39
C LEU B 104 -11.72 5.15 -14.07
N PHE B 105 -12.60 5.73 -14.89
CA PHE B 105 -14.03 5.73 -14.61
C PHE B 105 -14.81 4.79 -15.52
N GLY B 106 -14.13 4.08 -16.43
CA GLY B 106 -14.80 3.20 -17.35
C GLY B 106 -15.14 1.86 -16.74
N PRO B 107 -15.36 0.85 -17.58
CA PRO B 107 -15.85 -0.44 -17.07
C PRO B 107 -14.87 -1.12 -16.12
N SER B 108 -13.59 -0.76 -16.13
CA SER B 108 -12.68 -1.36 -15.16
C SER B 108 -12.98 -0.91 -13.73
N LEU B 109 -13.89 0.04 -13.53
CA LEU B 109 -14.29 0.48 -12.20
C LEU B 109 -15.51 -0.35 -11.81
N ARG B 110 -15.30 -1.35 -10.95
CA ARG B 110 -16.32 -2.36 -10.70
C ARG B 110 -17.56 -1.77 -10.05
N ASP B 111 -17.39 -1.11 -8.90
CA ASP B 111 -18.53 -0.65 -8.10
C ASP B 111 -18.35 0.82 -7.79
N PRO B 112 -18.89 1.72 -8.61
CA PRO B 112 -18.68 3.15 -8.40
C PRO B 112 -19.18 3.67 -7.07
N ILE B 113 -20.10 2.99 -6.40
CA ILE B 113 -20.66 3.53 -5.17
C ILE B 113 -19.67 3.39 -4.02
N SER B 114 -18.91 2.29 -3.97
CA SER B 114 -18.02 2.02 -2.86
C SER B 114 -16.56 2.09 -3.27
N ALA B 115 -16.27 2.45 -4.51
CA ALA B 115 -14.87 2.57 -4.90
C ALA B 115 -14.23 3.75 -4.18
N GLU B 116 -12.98 3.59 -3.79
CA GLU B 116 -12.19 4.67 -3.19
C GLU B 116 -10.96 4.87 -4.06
N ILE B 117 -10.87 6.01 -4.71
CA ILE B 117 -9.82 6.29 -5.66
C ILE B 117 -8.76 7.13 -4.96
N SER B 118 -7.52 6.63 -4.95
CA SER B 118 -6.42 7.38 -4.36
C SER B 118 -6.15 8.65 -5.14
N ILE B 119 -5.68 9.67 -4.43
CA ILE B 119 -5.39 10.95 -5.07
C ILE B 119 -4.34 10.78 -6.17
N GLN B 120 -3.41 9.85 -5.98
CA GLN B 120 -2.38 9.64 -7.00
C GLN B 120 -2.95 9.00 -8.25
N ALA B 121 -3.89 8.08 -8.11
CA ALA B 121 -4.55 7.54 -9.29
C ALA B 121 -5.35 8.60 -10.06
N LEU B 122 -5.72 9.70 -9.39
CA LEU B 122 -6.44 10.79 -10.06
C LEU B 122 -5.50 11.76 -10.75
N SER B 123 -4.19 11.52 -10.66
CA SER B 123 -3.20 12.50 -11.10
C SER B 123 -3.44 13.00 -12.52
N TYR B 124 -3.66 12.07 -13.46
CA TYR B 124 -3.82 12.50 -14.84
C TYR B 124 -5.17 13.18 -15.05
N ALA B 125 -6.22 12.68 -14.40
CA ALA B 125 -7.53 13.35 -14.47
C ALA B 125 -7.48 14.79 -13.96
N LEU B 126 -6.51 15.13 -13.10
CA LEU B 126 -6.38 16.45 -12.51
C LEU B 126 -5.33 17.31 -13.21
N GLY B 127 -4.84 16.87 -14.37
CA GLY B 127 -3.89 17.65 -15.14
C GLY B 127 -2.46 17.15 -15.12
N GLY B 128 -2.21 15.95 -14.60
CA GLY B 128 -0.89 15.36 -14.65
C GLY B 128 -0.04 15.56 -13.41
N ASP B 129 -0.60 16.14 -12.34
CA ASP B 129 0.15 16.46 -11.12
C ASP B 129 -0.88 16.89 -10.06
N ILE B 130 -0.57 16.59 -8.80
CA ILE B 130 -1.51 16.79 -7.71
C ILE B 130 -1.00 17.78 -6.68
N ASN B 131 0.19 18.34 -6.86
CA ASN B 131 0.77 19.18 -5.80
C ASN B 131 -0.04 20.45 -5.58
N LYS B 132 -0.51 21.07 -6.66
CA LYS B 132 -1.27 22.31 -6.52
C LYS B 132 -2.63 22.05 -5.88
N VAL B 133 -3.25 20.91 -6.19
CA VAL B 133 -4.48 20.53 -5.51
C VAL B 133 -4.23 20.42 -4.00
N LEU B 134 -3.15 19.73 -3.63
CA LEU B 134 -2.89 19.50 -2.20
C LEU B 134 -2.55 20.79 -1.50
N GLU B 135 -1.78 21.65 -2.15
CA GLU B 135 -1.48 22.97 -1.62
C GLU B 135 -2.76 23.79 -1.40
N LYS B 136 -3.70 23.78 -2.35
CA LYS B 136 -4.95 24.48 -2.10
C LYS B 136 -5.72 23.90 -0.92
N LEU B 137 -5.50 22.63 -0.60
CA LEU B 137 -6.19 22.07 0.56
C LEU B 137 -5.45 22.33 1.87
N GLY B 138 -4.29 22.98 1.84
CA GLY B 138 -3.56 23.24 3.06
C GLY B 138 -2.31 22.41 3.30
N TYR B 139 -1.94 21.47 2.42
CA TYR B 139 -0.73 20.68 2.65
C TYR B 139 0.49 21.45 2.15
N SER B 140 1.48 21.67 3.02
CA SER B 140 2.62 22.53 2.69
C SER B 140 3.77 21.81 2.00
N GLY B 141 3.90 20.50 2.22
CA GLY B 141 5.07 19.80 1.74
C GLY B 141 6.30 20.04 2.58
N GLY B 142 6.11 20.55 3.80
CA GLY B 142 7.20 20.94 4.67
C GLY B 142 7.74 19.83 5.55
N ASP B 143 6.97 18.75 5.76
CA ASP B 143 7.48 17.60 6.49
C ASP B 143 6.94 16.31 5.87
N LEU B 144 7.70 15.23 6.04
CA LEU B 144 7.38 14.00 5.32
C LEU B 144 6.06 13.39 5.78
N LEU B 145 5.68 13.59 7.04
CA LEU B 145 4.44 13.00 7.52
C LEU B 145 3.24 13.61 6.81
N GLY B 146 3.18 14.94 6.74
CA GLY B 146 2.13 15.58 5.99
C GLY B 146 2.10 15.14 4.54
N ILE B 147 3.28 14.89 3.96
CA ILE B 147 3.35 14.36 2.60
C ILE B 147 2.68 12.99 2.54
N LEU B 148 3.01 12.09 3.48
CA LEU B 148 2.40 10.75 3.46
C LEU B 148 0.90 10.82 3.65
N GLU B 149 0.44 11.66 4.57
CA GLU B 149 -0.99 11.80 4.79
C GLU B 149 -1.68 12.34 3.54
N SER B 150 -1.11 13.40 2.95
CA SER B 150 -1.68 14.00 1.75
C SER B 150 -1.81 12.96 0.62
N ARG B 151 -0.81 12.08 0.48
CA ARG B 151 -0.92 11.01 -0.51
C ARG B 151 -1.79 9.84 -0.07
N GLY B 152 -2.26 9.83 1.18
CA GLY B 152 -3.21 8.80 1.56
C GLY B 152 -4.66 9.18 1.33
N ILE B 153 -4.90 10.37 0.77
CA ILE B 153 -6.26 10.80 0.47
C ILE B 153 -6.89 9.88 -0.55
N LYS B 154 -8.13 9.48 -0.29
CA LYS B 154 -8.97 8.72 -1.19
C LYS B 154 -10.24 9.52 -1.47
N ALA B 155 -10.77 9.36 -2.69
CA ALA B 155 -11.97 10.05 -3.15
C ALA B 155 -13.09 9.04 -3.40
N ARG B 156 -14.32 9.44 -3.11
CA ARG B 156 -15.54 8.72 -3.49
C ARG B 156 -16.32 9.57 -4.49
N ILE B 157 -16.95 8.90 -5.46
CA ILE B 157 -17.78 9.60 -6.44
C ILE B 157 -19.13 9.90 -5.80
N THR B 158 -19.55 11.17 -5.86
CA THR B 158 -20.87 11.51 -5.33
C THR B 158 -21.85 12.05 -6.38
N HIS B 159 -21.38 12.44 -7.55
CA HIS B 159 -22.30 12.94 -8.58
C HIS B 159 -21.58 12.92 -9.91
N VAL B 160 -22.29 12.48 -10.94
CA VAL B 160 -21.81 12.53 -12.33
C VAL B 160 -22.84 13.31 -13.13
N ASP B 161 -22.43 14.48 -13.66
CA ASP B 161 -23.33 15.34 -14.42
C ASP B 161 -23.17 15.05 -15.91
N THR B 162 -24.18 14.42 -16.52
CA THR B 162 -24.15 14.16 -17.95
C THR B 162 -24.66 15.33 -18.77
N GLU B 163 -25.27 16.33 -18.13
CA GLU B 163 -25.68 17.52 -18.85
C GLU B 163 -24.51 18.48 -19.05
N SER B 164 -23.69 18.70 -18.03
CA SER B 164 -22.59 19.64 -18.12
C SER B 164 -21.22 18.98 -18.02
N TYR B 165 -21.16 17.65 -17.93
CA TYR B 165 -19.89 16.92 -18.01
C TYR B 165 -18.93 17.32 -16.88
N PHE B 166 -19.31 16.91 -15.67
CA PHE B 166 -18.38 17.04 -14.57
C PHE B 166 -18.67 15.94 -13.56
N ILE B 167 -17.65 15.65 -12.75
CA ILE B 167 -17.70 14.56 -11.77
C ILE B 167 -17.39 15.16 -10.41
N VAL B 168 -18.31 15.01 -9.46
CA VAL B 168 -18.09 15.50 -8.11
C VAL B 168 -17.60 14.36 -7.24
N LEU B 169 -16.47 14.58 -6.57
CA LEU B 169 -15.87 13.60 -5.67
C LEU B 169 -15.82 14.17 -4.26
N SER B 170 -15.91 13.28 -3.28
CA SER B 170 -15.74 13.63 -1.87
C SER B 170 -14.48 12.96 -1.34
N ILE B 171 -13.59 13.76 -0.72
CA ILE B 171 -12.38 13.23 -0.09
C ILE B 171 -12.49 13.40 1.41
N ALA B 172 -11.65 12.65 2.13
CA ALA B 172 -11.51 12.79 3.58
C ALA B 172 -10.03 12.91 3.91
N TYR B 173 -9.73 13.55 5.04
CA TYR B 173 -8.33 13.83 5.39
C TYR B 173 -7.76 12.73 6.28
N PRO B 174 -6.66 12.10 5.92
CA PRO B 174 -6.06 11.10 6.81
C PRO B 174 -5.37 11.76 7.98
N THR B 175 -5.55 11.20 9.17
CA THR B 175 -4.69 11.51 10.30
C THR B 175 -4.30 10.21 11.00
N LEU B 176 -3.25 10.31 11.79
CA LEU B 176 -2.58 9.13 12.32
C LEU B 176 -3.25 8.63 13.59
N SER B 177 -3.53 7.34 13.63
CA SER B 177 -4.15 6.68 14.78
C SER B 177 -3.14 5.65 15.31
N GLU B 178 -2.42 6.02 16.37
CA GLU B 178 -1.42 5.14 16.96
C GLU B 178 -2.08 4.05 17.81
N ILE B 179 -1.73 2.80 17.55
CA ILE B 179 -2.23 1.65 18.31
C ILE B 179 -1.08 1.22 19.22
N LYS B 180 -1.05 1.79 20.44
CA LYS B 180 0.14 1.73 21.30
C LYS B 180 0.51 0.32 21.72
N GLY B 181 -0.42 -0.64 21.68
CA GLY B 181 -0.09 -1.99 22.06
C GLY B 181 0.52 -2.87 20.97
N VAL B 182 0.60 -2.38 19.73
CA VAL B 182 1.13 -3.15 18.60
C VAL B 182 2.56 -2.70 18.37
N ILE B 183 3.51 -3.63 18.39
CA ILE B 183 4.90 -3.36 18.04
C ILE B 183 5.23 -4.10 16.75
N VAL B 184 5.75 -3.37 15.76
CA VAL B 184 6.22 -3.95 14.50
C VAL B 184 7.69 -4.32 14.66
N HIS B 185 8.07 -5.53 14.25
CA HIS B 185 9.45 -6.00 14.38
C HIS B 185 9.97 -6.40 13.01
N ARG B 186 11.15 -5.93 12.68
CA ARG B 186 11.82 -6.34 11.46
C ARG B 186 12.76 -7.50 11.81
N LEU B 187 12.60 -8.62 11.12
CA LEU B 187 13.42 -9.81 11.33
C LEU B 187 14.40 -9.93 10.18
N GLU B 188 15.57 -10.48 10.50
CA GLU B 188 16.66 -10.58 9.54
C GLU B 188 17.46 -11.82 9.92
N GLY B 189 17.76 -12.67 8.93
CA GLY B 189 18.40 -13.95 9.18
C GLY B 189 19.79 -14.00 8.59
N VAL B 190 20.65 -14.82 9.19
CA VAL B 190 21.94 -15.14 8.58
C VAL B 190 21.98 -16.63 8.30
N SER B 191 22.73 -16.99 7.26
CA SER B 191 22.85 -18.40 6.93
C SER B 191 23.72 -19.12 7.96
N TYR B 192 23.53 -20.42 8.03
CA TYR B 192 24.36 -21.28 8.87
C TYR B 192 24.65 -22.56 8.09
N ASN B 193 25.69 -23.26 8.53
CA ASN B 193 26.21 -24.37 7.78
C ASN B 193 26.01 -25.67 8.54
N ILE B 194 25.49 -26.67 7.84
CA ILE B 194 25.51 -28.06 8.25
C ILE B 194 26.36 -28.77 7.20
N GLY B 195 27.60 -29.10 7.54
CA GLY B 195 28.51 -29.64 6.54
C GLY B 195 28.89 -28.56 5.57
N SER B 196 28.76 -28.85 4.27
CA SER B 196 28.92 -27.84 3.24
C SER B 196 27.59 -27.30 2.75
N GLN B 197 26.49 -27.75 3.33
CA GLN B 197 25.18 -27.20 3.01
C GLN B 197 24.96 -25.90 3.79
N GLU B 198 24.58 -24.84 3.07
CA GLU B 198 24.32 -23.54 3.65
C GLU B 198 22.80 -23.31 3.72
N TRP B 199 22.26 -23.21 4.94
CA TRP B 199 20.85 -23.07 5.26
C TRP B 199 20.54 -21.68 5.83
N TYR B 200 19.23 -21.34 5.86
CA TYR B 200 18.75 -20.24 6.70
C TYR B 200 17.32 -20.53 7.15
N THR B 201 16.94 -19.94 8.28
CA THR B 201 15.61 -20.11 8.84
C THR B 201 14.60 -19.22 8.11
N THR B 202 13.43 -19.79 7.77
CA THR B 202 12.42 -19.03 7.02
C THR B 202 11.48 -18.37 8.02
N VAL B 203 11.60 -17.04 8.17
CA VAL B 203 10.71 -16.23 9.02
C VAL B 203 10.23 -15.04 8.20
N PRO B 204 9.14 -14.40 8.60
CA PRO B 204 8.67 -13.23 7.85
C PRO B 204 9.63 -12.06 8.02
N LYS B 205 9.64 -11.18 7.04
CA LYS B 205 10.46 -9.98 7.16
C LYS B 205 9.94 -9.06 8.27
N TYR B 206 8.61 -8.91 8.38
CA TYR B 206 8.02 -8.12 9.45
C TYR B 206 6.97 -8.93 10.17
N VAL B 207 7.01 -8.87 11.51
CA VAL B 207 5.96 -9.45 12.34
C VAL B 207 5.50 -8.37 13.32
N ALA B 208 4.33 -8.58 13.91
CA ALA B 208 3.80 -7.66 14.91
C ALA B 208 3.48 -8.44 16.18
N THR B 209 3.82 -7.85 17.33
CA THR B 209 3.36 -8.37 18.61
C THR B 209 2.21 -7.51 19.10
N GLN B 210 1.22 -8.13 19.72
CA GLN B 210 0.01 -7.44 20.17
C GLN B 210 -0.50 -8.21 21.38
N GLY B 211 -0.13 -7.77 22.58
CA GLY B 211 -0.51 -8.49 23.79
C GLY B 211 -0.07 -9.95 23.79
N TYR B 212 -1.05 -10.87 23.73
CA TYR B 212 -0.78 -12.30 23.63
C TYR B 212 -0.38 -12.76 22.23
N LEU B 213 -0.69 -11.97 21.20
CA LEU B 213 -0.60 -12.40 19.82
C LEU B 213 0.75 -12.07 19.18
N ILE B 214 1.22 -12.96 18.33
CA ILE B 214 2.16 -12.61 17.27
C ILE B 214 1.40 -12.67 15.96
N SER B 215 1.54 -11.65 15.13
CA SER B 215 0.78 -11.56 13.89
C SER B 215 1.68 -11.32 12.70
N ASN B 216 1.14 -11.67 11.53
CA ASN B 216 1.76 -11.27 10.30
C ASN B 216 1.61 -9.77 10.09
N PHE B 217 2.45 -9.21 9.24
CA PHE B 217 2.46 -7.77 9.00
C PHE B 217 2.70 -7.53 7.52
N ASP B 218 1.73 -6.92 6.86
CA ASP B 218 1.84 -6.54 5.44
C ASP B 218 2.42 -5.13 5.35
N GLU B 219 3.69 -5.04 4.96
CA GLU B 219 4.34 -3.74 4.92
C GLU B 219 4.04 -2.93 3.66
N SER B 220 3.18 -3.44 2.76
CA SER B 220 2.94 -2.78 1.47
C SER B 220 2.57 -1.31 1.64
N SER B 221 1.61 -1.01 2.50
CA SER B 221 1.08 0.35 2.62
C SER B 221 1.77 1.14 3.71
N CYS B 222 2.95 0.71 4.15
CA CYS B 222 3.56 1.33 5.31
C CYS B 222 4.82 2.07 4.92
N THR B 223 5.19 3.03 5.75
CA THR B 223 6.41 3.78 5.64
C THR B 223 7.07 3.72 7.01
N PHE B 224 8.36 3.36 7.06
CA PHE B 224 9.03 3.18 8.35
C PHE B 224 9.71 4.49 8.76
N MET B 225 8.90 5.41 9.27
CA MET B 225 9.40 6.70 9.71
C MET B 225 10.25 6.53 10.96
N PRO B 226 11.10 7.51 11.27
CA PRO B 226 12.02 7.36 12.43
C PRO B 226 11.31 7.19 13.75
N GLU B 227 10.04 7.60 13.85
CA GLU B 227 9.34 7.55 15.12
C GLU B 227 8.14 6.60 15.10
N GLY B 228 8.02 5.77 14.08
CA GLY B 228 6.89 4.85 14.02
C GLY B 228 6.65 4.42 12.60
N THR B 229 5.97 3.29 12.48
CA THR B 229 5.56 2.74 11.20
C THR B 229 4.20 3.33 10.86
N VAL B 230 4.11 4.03 9.72
CA VAL B 230 2.90 4.72 9.28
C VAL B 230 2.32 3.95 8.11
N CYS B 231 1.12 3.41 8.30
CA CYS B 231 0.45 2.64 7.26
C CYS B 231 -0.86 3.32 6.89
N SER B 232 -1.14 3.37 5.59
CA SER B 232 -2.36 3.97 5.08
C SER B 232 -3.53 2.99 5.07
N GLN B 233 -3.26 1.74 5.41
CA GLN B 233 -4.24 0.67 5.45
C GLN B 233 -3.90 -0.25 6.62
N ASN B 234 -4.87 -1.08 6.99
CA ASN B 234 -4.57 -2.12 7.96
C ASN B 234 -3.46 -3.01 7.44
N ALA B 235 -2.45 -3.24 8.30
CA ALA B 235 -1.31 -4.09 7.99
C ALA B 235 -1.32 -5.43 8.73
N LEU B 236 -2.16 -5.60 9.75
CA LEU B 236 -2.08 -6.79 10.59
C LEU B 236 -2.93 -7.90 10.02
N TYR B 237 -2.42 -9.12 10.04
CA TYR B 237 -3.25 -10.24 9.63
C TYR B 237 -2.78 -11.49 10.36
N PRO B 238 -3.63 -12.50 10.47
CA PRO B 238 -3.35 -13.63 11.36
C PRO B 238 -2.07 -14.38 10.99
N MET B 239 -1.48 -15.02 12.00
CA MET B 239 -0.33 -15.90 11.82
C MET B 239 -0.69 -17.26 12.40
N SER B 240 -0.27 -18.33 11.71
CA SER B 240 -0.60 -19.66 12.18
C SER B 240 0.04 -19.92 13.55
N PRO B 241 -0.61 -20.71 14.40
CA PRO B 241 -0.03 -21.02 15.72
C PRO B 241 1.36 -21.59 15.64
N LEU B 242 1.63 -22.42 14.64
CA LEU B 242 2.93 -23.06 14.51
C LEU B 242 4.04 -22.05 14.27
N LEU B 243 3.82 -21.09 13.36
CA LEU B 243 4.82 -20.05 13.15
C LEU B 243 4.93 -19.10 14.34
N GLN B 244 3.81 -18.84 15.04
CA GLN B 244 3.91 -18.11 16.31
C GLN B 244 4.79 -18.86 17.30
N GLU B 245 4.61 -20.18 17.40
CA GLU B 245 5.45 -20.98 18.30
C GLU B 245 6.93 -20.89 17.92
N CYS B 246 7.22 -20.91 16.61
CA CYS B 246 8.58 -20.68 16.15
C CYS B 246 9.14 -19.39 16.72
N LEU B 247 8.42 -18.27 16.54
CA LEU B 247 8.95 -16.99 17.03
C LEU B 247 8.99 -16.94 18.56
N ARG B 248 8.25 -17.83 19.23
CA ARG B 248 8.26 -17.89 20.69
C ARG B 248 9.35 -18.79 21.24
N GLY B 249 10.22 -19.34 20.40
CA GLY B 249 11.36 -20.09 20.90
C GLY B 249 11.39 -21.55 20.53
N SER B 250 10.34 -22.09 19.93
CA SER B 250 10.34 -23.49 19.52
C SER B 250 11.11 -23.60 18.21
N THR B 251 12.43 -23.82 18.31
CA THR B 251 13.26 -23.83 17.10
C THR B 251 12.82 -24.93 16.14
N LYS B 252 12.26 -26.03 16.66
CA LYS B 252 11.80 -27.12 15.82
C LYS B 252 10.56 -26.77 15.00
N SER B 253 9.85 -25.71 15.38
CA SER B 253 8.68 -25.22 14.66
C SER B 253 9.06 -24.30 13.49
N CYS B 254 10.26 -23.73 13.52
CA CYS B 254 10.75 -22.87 12.45
C CYS B 254 11.24 -23.75 11.30
N ALA B 255 10.78 -23.45 10.08
CA ALA B 255 11.28 -24.13 8.90
C ALA B 255 12.57 -23.49 8.41
N ARG B 256 13.21 -24.17 7.45
CA ARG B 256 14.50 -23.76 6.94
C ARG B 256 14.61 -24.18 5.48
N THR B 257 15.47 -23.49 4.75
CA THR B 257 15.70 -23.82 3.36
C THR B 257 17.15 -23.50 3.03
N LEU B 258 17.59 -23.98 1.88
CA LEU B 258 18.95 -23.75 1.42
C LEU B 258 19.05 -22.39 0.74
N VAL B 259 20.23 -21.77 0.84
CA VAL B 259 20.39 -20.42 0.29
C VAL B 259 20.22 -20.45 -1.22
N SER B 260 19.61 -19.40 -1.75
CA SER B 260 19.51 -19.26 -3.19
C SER B 260 20.85 -18.81 -3.76
N GLY B 261 21.01 -19.02 -5.07
CA GLY B 261 22.23 -18.60 -5.74
C GLY B 261 23.45 -19.23 -5.12
N SER B 262 24.51 -18.41 -4.98
CA SER B 262 25.78 -18.86 -4.45
C SER B 262 25.87 -18.77 -2.93
N PHE B 263 25.26 -17.75 -2.32
CA PHE B 263 25.48 -17.45 -0.91
C PHE B 263 24.28 -16.73 -0.31
N GLY B 264 24.21 -16.76 1.03
CA GLY B 264 23.26 -15.98 1.77
C GLY B 264 23.90 -14.77 2.44
N ASN B 265 23.11 -14.10 3.29
CA ASN B 265 23.65 -13.12 4.23
C ASN B 265 24.41 -13.87 5.31
N ARG B 266 25.74 -13.72 5.32
CA ARG B 266 26.56 -14.61 6.13
C ARG B 266 27.07 -13.97 7.40
N PHE B 267 26.75 -12.71 7.65
CA PHE B 267 27.04 -12.12 8.95
C PHE B 267 26.07 -10.95 9.14
N ILE B 268 26.00 -10.47 10.38
CA ILE B 268 25.12 -9.36 10.72
C ILE B 268 25.64 -8.74 11.99
N LEU B 269 25.49 -7.41 12.10
CA LEU B 269 25.78 -6.71 13.34
C LEU B 269 24.50 -6.56 14.15
N SER B 270 24.53 -7.01 15.40
CA SER B 270 23.32 -6.96 16.22
C SER B 270 23.73 -6.78 17.68
N GLN B 271 23.17 -5.77 18.34
CA GLN B 271 23.49 -5.46 19.74
C GLN B 271 25.00 -5.23 19.93
N GLY B 272 25.65 -4.65 18.92
CA GLY B 272 27.08 -4.42 18.97
C GLY B 272 27.94 -5.66 18.83
N ASN B 273 27.34 -6.84 18.56
CA ASN B 273 28.08 -8.06 18.28
C ASN B 273 27.93 -8.46 16.82
N LEU B 274 28.83 -9.31 16.38
CA LEU B 274 28.81 -9.84 15.03
C LEU B 274 28.39 -11.30 15.11
N ILE B 275 27.27 -11.64 14.48
CA ILE B 275 26.85 -13.02 14.31
C ILE B 275 27.24 -13.43 12.90
N ALA B 276 28.02 -14.50 12.77
CA ALA B 276 28.66 -14.79 11.50
C ALA B 276 28.70 -16.29 11.24
N ASN B 277 28.45 -16.64 9.98
CA ASN B 277 28.68 -18.00 9.51
C ASN B 277 30.14 -18.07 9.07
N CYS B 278 31.02 -18.39 10.02
CA CYS B 278 32.46 -18.37 9.72
C CYS B 278 32.94 -19.66 9.03
N ALA B 279 32.04 -20.60 8.75
CA ALA B 279 32.33 -21.68 7.81
C ALA B 279 32.27 -21.21 6.37
N SER B 280 31.53 -20.14 6.10
CA SER B 280 31.23 -19.68 4.76
C SER B 280 32.03 -18.46 4.34
N ILE B 281 32.68 -17.78 5.28
CA ILE B 281 33.52 -16.64 4.99
C ILE B 281 34.72 -16.70 5.92
N LEU B 282 35.78 -15.98 5.54
CA LEU B 282 36.93 -15.84 6.42
C LEU B 282 36.60 -14.88 7.57
N CYS B 283 36.65 -15.38 8.80
CA CYS B 283 36.58 -14.54 9.98
C CYS B 283 37.95 -14.48 10.64
N LYS B 284 38.33 -13.28 11.09
CA LYS B 284 39.66 -13.06 11.62
C LYS B 284 39.63 -11.97 12.69
N CYS B 285 40.35 -12.20 13.78
CA CYS B 285 40.55 -11.16 14.78
C CYS B 285 41.63 -10.21 14.28
N TYR B 286 41.26 -8.95 14.06
CA TYR B 286 42.25 -7.95 13.67
C TYR B 286 43.19 -7.64 14.84
N THR B 287 42.65 -7.60 16.07
CA THR B 287 43.44 -7.23 17.23
C THR B 287 44.65 -8.15 17.41
N THR B 288 44.45 -9.46 17.26
CA THR B 288 45.52 -10.43 17.48
C THR B 288 46.12 -10.96 16.18
N GLY B 289 45.47 -10.76 15.03
CA GLY B 289 45.92 -11.32 13.77
C GLY B 289 45.59 -12.78 13.54
N THR B 290 44.69 -13.37 14.32
CA THR B 290 44.46 -14.80 14.30
C THR B 290 43.09 -15.11 13.70
N ILE B 291 43.05 -16.08 12.78
CA ILE B 291 41.78 -16.44 12.17
C ILE B 291 40.82 -17.00 13.22
N ILE B 292 39.53 -16.87 12.95
CA ILE B 292 38.49 -17.36 13.85
C ILE B 292 37.85 -18.55 13.17
N ASN B 293 38.13 -19.75 13.65
CA ASN B 293 37.58 -20.96 13.05
C ASN B 293 36.20 -21.23 13.64
N GLN B 294 35.31 -21.75 12.82
CA GLN B 294 34.04 -22.21 13.33
C GLN B 294 34.14 -23.70 13.63
N ASP B 295 33.98 -24.05 14.90
CA ASP B 295 33.79 -25.43 15.31
C ASP B 295 32.84 -26.12 14.33
N PRO B 296 33.24 -27.24 13.72
CA PRO B 296 32.36 -27.90 12.75
C PRO B 296 31.09 -28.50 13.35
N ASP B 297 31.01 -28.69 14.66
CA ASP B 297 29.76 -29.08 15.31
C ASP B 297 29.01 -27.87 15.90
N LYS B 298 29.43 -26.66 15.55
CA LYS B 298 28.67 -25.44 15.77
C LYS B 298 28.23 -24.91 14.40
N ILE B 299 27.17 -24.13 14.38
CA ILE B 299 26.64 -23.62 13.12
C ILE B 299 26.89 -22.14 12.93
N LEU B 300 27.13 -21.38 14.01
CA LEU B 300 27.38 -19.95 13.92
C LEU B 300 28.43 -19.55 14.96
N THR B 301 28.98 -18.37 14.78
CA THR B 301 29.96 -17.79 15.70
C THR B 301 29.41 -16.45 16.19
N TYR B 302 29.48 -16.21 17.49
CA TYR B 302 28.97 -14.98 18.10
C TYR B 302 30.17 -14.19 18.62
N ILE B 303 30.53 -13.14 17.90
CA ILE B 303 31.80 -12.45 18.08
C ILE B 303 31.58 -11.18 18.90
N ALA B 304 32.27 -11.07 20.03
CA ALA B 304 32.15 -9.92 20.90
C ALA B 304 33.54 -9.53 21.41
N ALA B 305 33.61 -8.37 22.08
CA ALA B 305 34.91 -7.80 22.41
C ALA B 305 35.62 -8.54 23.53
N ASP B 306 34.93 -9.41 24.29
CA ASP B 306 35.60 -10.21 25.30
C ASP B 306 36.67 -11.10 24.68
N HIS B 307 36.46 -11.56 23.44
CA HIS B 307 37.46 -12.36 22.75
C HIS B 307 38.11 -11.66 21.58
N CYS B 308 37.44 -10.70 20.96
CA CYS B 308 38.06 -10.00 19.85
C CYS B 308 37.49 -8.60 19.68
N PRO B 309 38.19 -7.55 20.14
CA PRO B 309 37.64 -6.20 20.04
C PRO B 309 37.40 -5.71 18.63
N VAL B 310 38.21 -6.16 17.67
CA VAL B 310 38.10 -5.70 16.30
C VAL B 310 38.22 -6.93 15.41
N VAL B 311 37.14 -7.26 14.72
CA VAL B 311 37.07 -8.48 13.94
C VAL B 311 37.05 -8.10 12.47
N GLU B 312 37.63 -8.97 11.65
CA GLU B 312 37.55 -8.83 10.22
C GLU B 312 36.68 -9.97 9.70
N VAL B 313 35.73 -9.64 8.83
CA VAL B 313 34.68 -10.57 8.45
C VAL B 313 34.43 -10.33 6.97
N ASN B 314 34.76 -11.32 6.15
CA ASN B 314 34.63 -11.21 4.69
C ASN B 314 35.26 -9.92 4.17
N GLY B 315 36.38 -9.54 4.77
CA GLY B 315 37.12 -8.37 4.32
C GLY B 315 36.71 -7.03 4.92
N VAL B 316 35.70 -6.98 5.77
CA VAL B 316 35.30 -5.72 6.39
C VAL B 316 35.68 -5.78 7.87
N THR B 317 36.24 -4.68 8.38
CA THR B 317 36.79 -4.62 9.73
C THR B 317 35.81 -3.88 10.62
N ILE B 318 35.38 -4.55 11.70
CA ILE B 318 34.31 -4.05 12.55
C ILE B 318 34.76 -4.17 14.00
N GLN B 319 34.70 -3.05 14.71
CA GLN B 319 34.87 -3.06 16.15
C GLN B 319 33.57 -3.40 16.82
N VAL B 320 33.63 -4.27 17.81
CA VAL B 320 32.43 -4.81 18.44
C VAL B 320 32.46 -4.47 19.92
N GLY B 321 31.30 -4.62 20.57
CA GLY B 321 31.15 -4.27 21.96
C GLY B 321 31.16 -5.50 22.86
N SER B 322 30.71 -5.29 24.09
CA SER B 322 30.76 -6.40 25.04
C SER B 322 29.71 -7.43 24.68
N ARG B 323 29.87 -8.64 25.24
CA ARG B 323 29.10 -9.77 24.75
C ARG B 323 27.63 -9.62 25.08
N ARG B 324 26.79 -9.83 24.07
CA ARG B 324 25.35 -9.84 24.24
C ARG B 324 24.72 -11.14 23.78
N TYR B 325 25.50 -12.08 23.24
CA TYR B 325 25.00 -13.38 22.79
C TYR B 325 25.96 -14.44 23.33
N PRO B 326 25.47 -15.52 23.92
CA PRO B 326 26.37 -16.55 24.46
C PRO B 326 27.26 -17.14 23.37
N ASP B 327 28.35 -17.77 23.82
CA ASP B 327 29.17 -18.53 22.90
C ASP B 327 28.35 -19.63 22.25
N ALA B 328 28.58 -19.84 20.95
CA ALA B 328 27.76 -20.77 20.17
C ALA B 328 27.64 -22.12 20.89
N VAL B 329 26.47 -22.74 20.76
CA VAL B 329 26.23 -24.04 21.35
C VAL B 329 26.43 -25.08 20.27
N TYR B 330 26.60 -26.34 20.66
CA TYR B 330 26.74 -27.40 19.66
C TYR B 330 25.43 -27.60 18.91
N LEU B 331 25.55 -27.88 17.62
CA LEU B 331 24.38 -28.21 16.81
C LEU B 331 23.52 -29.27 17.49
N HIS B 332 24.15 -30.23 18.16
CA HIS B 332 23.38 -31.32 18.77
C HIS B 332 22.52 -30.83 19.93
N ARG B 333 22.72 -29.61 20.42
CA ARG B 333 21.85 -29.04 21.42
C ARG B 333 20.80 -28.10 20.83
N ILE B 334 20.59 -28.15 19.50
CA ILE B 334 19.62 -27.32 18.81
C ILE B 334 18.73 -28.22 17.97
N ASP B 335 17.42 -28.18 18.21
CA ASP B 335 16.46 -28.93 17.40
C ASP B 335 16.09 -28.09 16.18
N LEU B 336 16.55 -28.51 15.00
CA LEU B 336 16.21 -27.83 13.76
C LEU B 336 14.86 -28.30 13.25
N GLY B 337 14.14 -27.40 12.59
CA GLY B 337 12.84 -27.71 12.04
C GLY B 337 12.90 -28.27 10.64
N PRO B 338 11.74 -28.41 9.99
CA PRO B 338 11.69 -29.12 8.69
C PRO B 338 12.29 -28.29 7.59
N PRO B 339 13.00 -28.94 6.66
CA PRO B 339 13.39 -28.26 5.43
C PRO B 339 12.20 -28.14 4.48
N ILE B 340 12.06 -26.96 3.86
CA ILE B 340 10.91 -26.66 3.01
C ILE B 340 11.37 -25.84 1.80
N SER B 341 10.48 -25.73 0.82
CA SER B 341 10.60 -24.75 -0.25
C SER B 341 9.31 -23.93 -0.29
N LEU B 342 9.43 -22.64 -0.57
CA LEU B 342 8.26 -21.79 -0.68
C LEU B 342 7.79 -21.62 -2.10
N GLU B 343 8.50 -22.17 -3.09
CA GLU B 343 8.02 -22.05 -4.46
C GLU B 343 6.72 -22.84 -4.61
N ARG B 344 5.80 -22.28 -5.38
CA ARG B 344 4.44 -22.78 -5.26
C ARG B 344 4.28 -24.16 -5.90
N LEU B 345 4.98 -24.43 -7.00
CA LEU B 345 4.93 -25.77 -7.57
C LEU B 345 5.51 -26.81 -6.61
N ASP B 346 6.59 -26.46 -5.90
CA ASP B 346 7.12 -27.38 -4.90
C ASP B 346 6.14 -27.62 -3.76
N VAL B 347 5.46 -26.58 -3.31
CA VAL B 347 4.44 -26.75 -2.28
C VAL B 347 3.34 -27.68 -2.78
N GLY B 348 2.84 -27.43 -3.99
CA GLY B 348 1.75 -28.26 -4.50
C GLY B 348 2.15 -29.70 -4.74
N THR B 349 3.34 -29.93 -5.32
CA THR B 349 3.82 -31.28 -5.58
C THR B 349 4.06 -32.06 -4.29
N ASN B 350 4.65 -31.42 -3.29
CA ASN B 350 4.89 -32.13 -2.03
C ASN B 350 3.57 -32.34 -1.28
N LEU B 351 2.63 -31.41 -1.37
CA LEU B 351 1.32 -31.61 -0.74
C LEU B 351 0.59 -32.79 -1.37
N GLY B 352 0.58 -32.87 -2.70
CA GLY B 352 -0.05 -34.01 -3.35
C GLY B 352 0.55 -35.34 -2.89
N ASN B 353 1.88 -35.37 -2.73
CA ASN B 353 2.56 -36.56 -2.22
C ASN B 353 2.13 -36.86 -0.80
N ALA B 354 2.04 -35.82 0.05
CA ALA B 354 1.70 -36.04 1.44
C ALA B 354 0.31 -36.60 1.58
N ILE B 355 -0.63 -36.10 0.77
CA ILE B 355 -2.00 -36.59 0.81
C ILE B 355 -2.07 -38.05 0.38
N ALA B 356 -1.32 -38.42 -0.66
CA ALA B 356 -1.28 -39.81 -1.08
C ALA B 356 -0.69 -40.71 0.01
N LYS B 357 0.41 -40.30 0.62
CA LYS B 357 1.00 -41.10 1.70
C LYS B 357 0.03 -41.24 2.88
N LEU B 358 -0.77 -40.21 3.13
CA LEU B 358 -1.73 -40.24 4.22
C LEU B 358 -2.93 -41.13 3.89
N GLU B 359 -3.35 -41.16 2.62
CA GLU B 359 -4.44 -42.07 2.26
C GLU B 359 -3.98 -43.53 2.32
N ASP B 360 -2.73 -43.81 1.93
CA ASP B 360 -2.15 -45.13 2.18
C ASP B 360 -2.13 -45.44 3.68
N ALA B 361 -1.49 -44.58 4.46
CA ALA B 361 -1.38 -44.80 5.89
C ALA B 361 -2.74 -44.96 6.56
N LYS B 362 -3.78 -44.34 5.99
CA LYS B 362 -5.12 -44.38 6.60
C LYS B 362 -5.84 -45.70 6.38
N GLU B 363 -5.41 -46.51 5.41
CA GLU B 363 -6.01 -47.81 5.16
C GLU B 363 -5.37 -48.93 5.98
N LEU B 364 -4.07 -48.81 6.28
CA LEU B 364 -3.37 -49.87 6.98
C LEU B 364 -3.70 -49.90 8.48
N LEU B 365 -3.86 -48.74 9.10
CA LEU B 365 -4.18 -48.74 10.52
C LEU B 365 -5.65 -49.09 10.78
N GLU B 366 -6.46 -49.22 9.73
CA GLU B 366 -7.75 -49.89 9.89
C GLU B 366 -7.60 -51.40 9.79
N SER B 367 -6.75 -51.86 8.88
CA SER B 367 -6.51 -53.30 8.72
C SER B 367 -5.84 -53.90 9.95
N SER B 368 -4.89 -53.17 10.56
CA SER B 368 -4.16 -53.73 11.69
C SER B 368 -4.93 -53.56 13.01
N ASP B 369 -5.65 -52.46 13.17
CA ASP B 369 -6.45 -52.24 14.38
C ASP B 369 -7.75 -53.04 14.33
C1 NAG C . 14.83 -23.38 22.87
C2 NAG C . 13.60 -23.79 23.62
C3 NAG C . 13.79 -25.11 24.30
C4 NAG C . 14.10 -26.18 23.27
C5 NAG C . 15.26 -25.75 22.40
C6 NAG C . 15.30 -26.65 21.17
C7 NAG C . 12.02 -22.18 24.60
C8 NAG C . 11.73 -21.11 25.63
N2 NAG C . 13.32 -22.78 24.59
O3 NAG C . 12.59 -25.44 24.93
O4 NAG C . 14.43 -27.40 23.94
O5 NAG C . 15.15 -24.41 21.95
O6 NAG C . 16.43 -26.36 20.37
O7 NAG C . 11.16 -22.53 23.82
C1 NAG C . 13.50 -28.50 23.67
C2 NAG C . 14.27 -29.79 23.92
C3 NAG C . 13.37 -31.02 23.78
C4 NAG C . 12.15 -30.88 24.68
C5 NAG C . 11.45 -29.58 24.33
C6 NAG C . 10.25 -29.41 25.24
C7 NAG C . 16.66 -29.69 23.34
C8 NAG C . 17.76 -29.86 22.32
N2 NAG C . 15.31 -29.92 22.98
O3 NAG C . 14.09 -32.17 24.14
O4 NAG C . 11.29 -32.00 24.50
O5 NAG C . 12.34 -28.47 24.47
O6 NAG C . 9.88 -28.06 25.34
O7 NAG C . 16.92 -29.35 24.47
C1 NAG D . -14.59 31.44 -20.22
C2 NAG D . -16.05 31.76 -19.88
C3 NAG D . -16.34 33.21 -19.47
C4 NAG D . -15.15 33.97 -18.93
C5 NAG D . -13.98 33.70 -19.83
C6 NAG D . -12.78 34.49 -19.36
C7 NAG D . -17.71 30.55 -21.30
C8 NAG D . -18.56 30.46 -22.55
N2 NAG D . -16.84 31.63 -21.05
O3 NAG D . -17.39 33.25 -18.53
O4 NAG D . -15.44 35.35 -18.91
O5 NAG D . -13.66 32.35 -19.69
O6 NAG D . -12.31 33.89 -18.17
O7 NAG D . -17.79 29.65 -20.50
CAA 95C E . 14.45 -30.66 1.57
CAB 95C E . 15.78 -30.26 1.43
CAC 95C E . 16.10 -29.02 0.94
CAD 95C E . 15.04 -28.16 0.59
CAE 95C E . 13.70 -28.53 0.72
CAF 95C E . 13.41 -29.80 1.22
CAG 95C E . 14.15 -32.05 2.15
CAN 95C E . 10.94 -29.75 0.64
CAO 95C E . 9.57 -30.38 0.92
CAP 95C E . 8.57 -29.26 1.17
CAQ 95C E . 8.18 -28.46 0.08
CAR 95C E . 7.28 -27.43 0.30
CAS 95C E . 6.80 -27.18 1.59
CAT 95C E . 7.21 -27.99 2.68
CAU 95C E . 8.11 -29.04 2.47
NAI 95C E . 12.83 -32.53 2.34
NAJ 95C E . 15.34 -26.88 0.06
NAM 95C E . 12.05 -30.25 1.39
OAH 95C E . 15.10 -32.77 2.44
OAK 95C E . 14.47 -26.27 -0.52
OAL 95C E . 16.45 -26.42 0.13
OAV 95C E . 11.08 -28.84 -0.17
#